data_3IDV
#
_entry.id   3IDV
#
_cell.length_a   54.883
_cell.length_b   54.883
_cell.length_c   166.497
_cell.angle_alpha   90.00
_cell.angle_beta   90.00
_cell.angle_gamma   90.00
#
_symmetry.space_group_name_H-M   'P 41 21 2'
#
loop_
_entity.id
_entity.type
_entity.pdbx_description
1 polymer 'Protein disulfide-isomerase A4'
2 non-polymer 'ZINC ION'
3 non-polymer 'CHLORIDE ION'
4 water water
#
_entity_poly.entity_id   1
_entity_poly.type   'polypeptide(L)'
_entity_poly.pdbx_seq_one_letter_code
;GPLGSEDDLEVKEENGVLVLNDANFDNFVADKDTVLLEFYAPWCGHCKQFAPEYEKIANILKDKDPPIPVAKIDATSASV
LASRFDVSGYPTIKILKKGQAVDYEGSRTQEEIVAKVREVSQPDWTPPPEVTLVLTKENFDEVVNDADIILVEFYAPWCG
HCKKLAPEYEKAAKELSKRSPPIPLAKVDATAETDLAKRFDVSGYPTLKIFRKGRPYDYNGPREKYGIVDYMIEQSGAAA
S
;
_entity_poly.pdbx_strand_id   A
#
# COMPACT_ATOMS: atom_id res chain seq x y z
N ASP A 7 12.76 15.33 12.26
CA ASP A 7 11.48 14.81 12.82
C ASP A 7 10.77 15.89 13.64
N ASP A 8 10.81 17.11 13.14
CA ASP A 8 10.06 18.16 13.77
C ASP A 8 8.54 18.08 13.59
N LEU A 9 7.83 18.46 14.65
CA LEU A 9 6.36 18.38 14.68
C LEU A 9 5.75 19.35 13.68
N GLU A 10 6.39 20.51 13.53
CA GLU A 10 5.87 21.53 12.63
C GLU A 10 5.91 21.09 11.17
N VAL A 11 4.82 21.35 10.46
CA VAL A 11 4.80 21.16 8.98
C VAL A 11 5.22 22.52 8.37
N LYS A 12 6.43 22.62 7.82
CA LYS A 12 6.93 23.88 7.27
C LYS A 12 6.53 23.88 5.81
N GLU A 13 6.54 25.05 5.18
CA GLU A 13 6.35 25.17 3.74
C GLU A 13 7.61 25.80 3.11
N GLU A 14 8.08 25.16 2.04
CA GLU A 14 9.24 25.64 1.27
C GLU A 14 8.84 25.87 -0.16
N ASN A 15 8.70 27.14 -0.53
CA ASN A 15 8.25 27.52 -1.88
C ASN A 15 6.90 26.94 -2.32
N GLY A 16 5.97 26.92 -1.38
CA GLY A 16 4.67 26.39 -1.70
C GLY A 16 4.56 24.92 -1.37
N VAL A 17 5.69 24.25 -1.13
CA VAL A 17 5.65 22.77 -0.90
C VAL A 17 5.80 22.46 0.58
N LEU A 18 4.88 21.63 1.10
CA LEU A 18 4.88 21.29 2.53
C LEU A 18 6.01 20.28 2.78
N VAL A 19 6.60 20.29 3.95
CA VAL A 19 7.67 19.36 4.30
C VAL A 19 7.12 18.41 5.35
N LEU A 20 6.99 17.14 5.00
CA LEU A 20 6.49 16.13 5.91
C LEU A 20 7.59 15.18 6.31
N ASN A 21 7.47 14.57 7.48
CA ASN A 21 8.53 13.75 7.99
C ASN A 21 7.85 12.68 8.86
N ASP A 22 8.63 11.77 9.45
CA ASP A 22 8.08 10.65 10.26
C ASP A 22 7.20 11.15 11.38
N ALA A 23 7.53 12.31 11.93
CA ALA A 23 6.79 12.83 13.10
C ALA A 23 5.46 13.51 12.78
N ASN A 24 5.35 14.18 11.62
CA ASN A 24 4.17 15.03 11.37
C ASN A 24 3.27 14.47 10.24
N PHE A 25 3.70 13.40 9.57
CA PHE A 25 2.96 12.89 8.39
C PHE A 25 1.52 12.51 8.70
N ASP A 26 1.31 11.62 9.69
CA ASP A 26 -0.06 11.19 10.04
C ASP A 26 -0.94 12.34 10.51
N ASN A 27 -0.41 13.24 11.33
CA ASN A 27 -1.16 14.42 11.78
C ASN A 27 -1.68 15.17 10.57
N PHE A 28 -0.78 15.34 9.60
CA PHE A 28 -1.15 16.23 8.49
C PHE A 28 -2.20 15.58 7.55
N VAL A 29 -1.98 14.32 7.18
CA VAL A 29 -2.81 13.69 6.11
C VAL A 29 -4.12 13.10 6.62
N ALA A 30 -4.26 12.93 7.93
CA ALA A 30 -5.40 12.15 8.44
C ALA A 30 -6.77 12.72 8.02
N ASP A 31 -6.89 14.03 7.86
CA ASP A 31 -8.17 14.61 7.43
C ASP A 31 -8.17 15.16 5.99
N LYS A 32 -7.21 14.73 5.18
CA LYS A 32 -7.13 15.17 3.78
C LYS A 32 -7.67 14.10 2.85
N ASP A 33 -8.58 14.47 1.96
CA ASP A 33 -9.06 13.51 0.98
C ASP A 33 -7.97 13.16 -0.05
N THR A 34 -7.21 14.15 -0.53
CA THR A 34 -6.16 13.87 -1.56
C THR A 34 -4.90 14.65 -1.18
N VAL A 35 -3.75 13.98 -1.18
CA VAL A 35 -2.46 14.68 -0.97
C VAL A 35 -1.48 14.19 -2.04
N LEU A 36 -0.75 15.11 -2.65
CA LEU A 36 0.34 14.69 -3.54
C LEU A 36 1.64 14.59 -2.78
N LEU A 37 2.42 13.49 -2.95
CA LEU A 37 3.66 13.28 -2.20
C LEU A 37 4.82 13.05 -3.13
N GLU A 38 5.94 13.67 -2.78
CA GLU A 38 7.22 13.38 -3.42
C GLU A 38 8.24 12.90 -2.41
N PHE A 39 8.82 11.72 -2.65
CA PHE A 39 9.91 11.22 -1.82
C PHE A 39 11.25 11.51 -2.54
N TYR A 40 12.15 12.24 -1.90
CA TYR A 40 13.43 12.58 -2.51
C TYR A 40 14.59 12.30 -1.58
N ALA A 41 15.80 12.44 -2.12
CA ALA A 41 17.02 12.35 -1.36
C ALA A 41 17.81 13.62 -1.66
N PRO A 42 18.47 14.20 -0.64
CA PRO A 42 19.24 15.44 -0.73
C PRO A 42 20.35 15.30 -1.76
N TRP A 43 20.89 14.09 -1.88
CA TRP A 43 22.01 13.82 -2.77
C TRP A 43 21.62 13.41 -4.20
N CYS A 44 20.33 13.48 -4.53
CA CYS A 44 19.88 13.08 -5.86
C CYS A 44 19.75 14.28 -6.81
N GLY A 45 20.61 14.32 -7.84
CA GLY A 45 20.52 15.34 -8.88
C GLY A 45 19.19 15.46 -9.62
N HIS A 46 18.51 14.33 -9.84
CA HIS A 46 17.25 14.37 -10.59
C HIS A 46 16.15 14.98 -9.76
N CYS A 47 16.21 14.77 -8.44
CA CYS A 47 15.31 15.47 -7.50
C CYS A 47 15.52 16.97 -7.55
N LYS A 48 16.78 17.41 -7.55
CA LYS A 48 17.09 18.87 -7.60
C LYS A 48 16.57 19.51 -8.91
N GLN A 49 16.80 18.85 -10.04
CA GLN A 49 16.26 19.32 -11.30
C GLN A 49 14.73 19.40 -11.34
N PHE A 50 14.05 18.50 -10.64
CA PHE A 50 12.58 18.47 -10.63
C PHE A 50 11.98 19.52 -9.66
N ALA A 51 12.80 20.00 -8.72
CA ALA A 51 12.28 20.78 -7.59
C ALA A 51 11.49 22.03 -8.01
N PRO A 52 11.96 22.80 -9.03
CA PRO A 52 11.17 23.94 -9.52
C PRO A 52 9.87 23.56 -10.17
N GLU A 53 9.82 22.43 -10.89
CA GLU A 53 8.58 21.95 -11.48
C GLU A 53 7.57 21.51 -10.37
N TYR A 54 8.07 20.85 -9.33
CA TYR A 54 7.19 20.43 -8.24
C TYR A 54 6.61 21.67 -7.52
N GLU A 55 7.43 22.70 -7.42
CA GLU A 55 6.96 23.97 -6.84
C GLU A 55 5.85 24.60 -7.70
N LYS A 56 5.99 24.54 -9.02
CA LYS A 56 4.92 25.03 -9.88
C LYS A 56 3.63 24.22 -9.72
N ILE A 57 3.77 22.91 -9.65
CA ILE A 57 2.63 22.02 -9.38
C ILE A 57 1.93 22.39 -8.08
N ALA A 58 2.69 22.63 -7.02
CA ALA A 58 2.09 22.97 -5.73
C ALA A 58 1.29 24.27 -5.88
N ASN A 59 1.84 25.21 -6.62
CA ASN A 59 1.14 26.47 -6.76
C ASN A 59 -0.14 26.41 -7.63
N ILE A 60 -0.15 25.53 -8.63
CA ILE A 60 -1.36 25.28 -9.44
C ILE A 60 -2.47 24.62 -8.63
N LEU A 61 -2.11 23.58 -7.86
CA LEU A 61 -3.05 22.84 -7.08
C LEU A 61 -3.51 23.60 -5.85
N LYS A 62 -2.74 24.57 -5.36
CA LYS A 62 -3.21 25.43 -4.23
C LYS A 62 -4.33 26.35 -4.67
N ASP A 63 -4.36 26.66 -5.96
CA ASP A 63 -5.30 27.67 -6.46
C ASP A 63 -6.58 27.10 -7.09
N LYS A 64 -6.76 25.78 -7.07
CA LYS A 64 -8.05 25.22 -7.45
C LYS A 64 -8.95 25.14 -6.23
N ASP A 65 -10.25 25.01 -6.49
CA ASP A 65 -11.27 25.02 -5.46
C ASP A 65 -11.86 23.62 -5.35
N PRO A 66 -11.66 22.92 -4.21
CA PRO A 66 -10.83 23.27 -3.05
C PRO A 66 -9.35 22.88 -3.27
N PRO A 67 -8.42 23.51 -2.51
CA PRO A 67 -6.99 23.29 -2.76
C PRO A 67 -6.56 21.84 -2.48
N ILE A 68 -5.53 21.36 -3.19
CA ILE A 68 -4.95 20.04 -2.90
C ILE A 68 -3.50 20.25 -2.40
N PRO A 69 -3.17 19.76 -1.19
CA PRO A 69 -1.82 19.98 -0.63
C PRO A 69 -0.79 19.17 -1.39
N VAL A 70 0.39 19.74 -1.48
CA VAL A 70 1.48 19.12 -2.19
C VAL A 70 2.67 19.13 -1.22
N ALA A 71 3.26 17.94 -1.03
CA ALA A 71 4.26 17.71 0.00
C ALA A 71 5.48 16.95 -0.48
N LYS A 72 6.62 17.23 0.16
CA LYS A 72 7.85 16.51 -0.10
C LYS A 72 8.35 15.87 1.20
N ILE A 73 9.00 14.71 1.05
CA ILE A 73 9.54 13.93 2.14
C ILE A 73 10.97 13.54 1.82
N ASP A 74 11.89 13.83 2.73
CA ASP A 74 13.28 13.39 2.57
C ASP A 74 13.35 11.96 3.05
N ALA A 75 13.35 11.04 2.10
CA ALA A 75 13.27 9.62 2.42
C ALA A 75 14.49 9.10 3.18
N THR A 76 15.59 9.85 3.12
CA THR A 76 16.84 9.45 3.77
C THR A 76 16.79 9.72 5.28
N SER A 77 15.96 10.67 5.70
CA SER A 77 15.78 10.92 7.12
C SER A 77 14.45 10.45 7.66
N ALA A 78 13.47 10.27 6.78
CA ALA A 78 12.16 9.76 7.15
C ALA A 78 12.10 8.27 6.81
N SER A 79 12.95 7.46 7.48
CA SER A 79 13.06 6.01 7.20
C SER A 79 11.78 5.25 7.41
N VAL A 80 11.04 5.61 8.47
CA VAL A 80 9.70 5.02 8.67
C VAL A 80 8.73 5.22 7.50
N LEU A 81 8.58 6.45 7.01
CA LEU A 81 7.77 6.66 5.81
C LEU A 81 8.29 5.97 4.56
N ALA A 82 9.59 6.06 4.30
CA ALA A 82 10.12 5.42 3.12
C ALA A 82 9.79 3.93 3.17
N SER A 83 9.92 3.33 4.36
CA SER A 83 9.49 1.95 4.60
C SER A 83 7.99 1.68 4.34
N ARG A 84 7.11 2.53 4.90
CA ARG A 84 5.67 2.43 4.71
C ARG A 84 5.24 2.43 3.25
N PHE A 85 5.93 3.23 2.43
CA PHE A 85 5.55 3.46 1.03
C PHE A 85 6.46 2.67 0.07
N ASP A 86 7.35 1.88 0.64
CA ASP A 86 8.27 1.02 -0.11
C ASP A 86 8.96 1.88 -1.17
N VAL A 87 9.67 2.88 -0.67
CA VAL A 87 10.45 3.80 -1.51
C VAL A 87 11.92 3.36 -1.55
N SER A 88 12.39 3.12 -2.76
CA SER A 88 13.75 2.66 -3.01
C SER A 88 14.56 3.60 -3.93
N GLY A 89 13.86 4.37 -4.74
CA GLY A 89 14.48 5.24 -5.75
C GLY A 89 13.81 6.60 -5.77
N TYR A 90 14.50 7.61 -6.33
CA TYR A 90 14.09 9.03 -6.21
C TYR A 90 14.16 9.75 -7.56
N PRO A 91 13.26 10.72 -7.80
CA PRO A 91 12.07 11.01 -6.96
C PRO A 91 11.01 9.93 -7.14
N THR A 92 10.31 9.59 -6.07
CA THR A 92 9.15 8.71 -6.18
C THR A 92 7.92 9.60 -5.88
N ILE A 93 6.93 9.58 -6.78
CA ILE A 93 5.68 10.35 -6.59
C ILE A 93 4.52 9.42 -6.27
N LYS A 94 3.71 9.79 -5.29
CA LYS A 94 2.55 9.02 -4.88
C LYS A 94 1.40 10.00 -4.64
N ILE A 95 0.17 9.53 -4.88
CA ILE A 95 -0.99 10.34 -4.52
C ILE A 95 -1.68 9.58 -3.41
N LEU A 96 -1.96 10.27 -2.32
CA LEU A 96 -2.67 9.62 -1.23
C LEU A 96 -4.14 10.00 -1.34
N LYS A 97 -5.01 9.02 -1.59
CA LYS A 97 -6.47 9.27 -1.70
C LYS A 97 -7.18 8.58 -0.54
N LYS A 98 -7.82 9.38 0.30
CA LYS A 98 -8.46 8.86 1.54
C LYS A 98 -7.55 7.89 2.27
N GLY A 99 -6.30 8.30 2.43
CA GLY A 99 -5.32 7.51 3.20
C GLY A 99 -4.64 6.32 2.54
N GLN A 100 -5.01 6.00 1.30
CA GLN A 100 -4.33 4.92 0.58
C GLN A 100 -3.47 5.45 -0.55
N ALA A 101 -2.30 4.81 -0.74
CA ALA A 101 -1.29 5.26 -1.68
C ALA A 101 -1.67 4.82 -3.08
N VAL A 102 -1.62 5.73 -4.04
CA VAL A 102 -1.73 5.34 -5.41
C VAL A 102 -0.39 5.64 -6.08
N ASP A 103 0.17 4.66 -6.77
CA ASP A 103 1.46 4.82 -7.42
C ASP A 103 1.35 5.74 -8.63
N TYR A 104 2.32 6.64 -8.80
CA TYR A 104 2.34 7.49 -9.99
C TYR A 104 3.57 7.07 -10.83
N GLU A 105 3.33 6.57 -12.03
CA GLU A 105 4.44 6.04 -12.85
C GLU A 105 4.69 6.88 -14.11
N GLY A 106 3.98 8.01 -14.21
CA GLY A 106 4.02 8.83 -15.41
C GLY A 106 5.14 9.85 -15.43
N SER A 107 5.06 10.82 -16.33
CA SER A 107 6.14 11.78 -16.50
C SER A 107 6.16 12.78 -15.35
N ARG A 108 7.35 13.39 -15.18
CA ARG A 108 7.54 14.43 -14.18
C ARG A 108 7.27 15.80 -14.77
N THR A 109 6.05 15.99 -15.25
CA THR A 109 5.64 17.23 -15.84
C THR A 109 4.44 17.76 -15.07
N GLN A 110 4.38 19.08 -14.97
CA GLN A 110 3.20 19.74 -14.51
C GLN A 110 1.94 19.25 -15.19
N GLU A 111 1.88 19.23 -16.53
CA GLU A 111 0.60 18.85 -17.18
C GLU A 111 0.10 17.44 -16.80
N GLU A 112 1.00 16.45 -16.79
CA GLU A 112 0.55 15.09 -16.50
C GLU A 112 0.22 14.90 -15.03
N ILE A 113 1.06 15.45 -14.15
CA ILE A 113 0.86 15.25 -12.72
C ILE A 113 -0.40 15.96 -12.26
N VAL A 114 -0.59 17.20 -12.69
CA VAL A 114 -1.79 17.94 -12.34
C VAL A 114 -3.06 17.21 -12.83
N ALA A 115 -3.07 16.78 -14.09
CA ALA A 115 -4.21 16.03 -14.62
C ALA A 115 -4.52 14.74 -13.81
N LYS A 116 -3.50 14.01 -13.36
CA LYS A 116 -3.73 12.74 -12.70
C LYS A 116 -4.25 13.05 -11.31
N VAL A 117 -3.62 14.02 -10.63
CA VAL A 117 -4.09 14.45 -9.33
C VAL A 117 -5.57 14.85 -9.35
N ARG A 118 -5.95 15.68 -10.32
CA ARG A 118 -7.35 16.07 -10.46
C ARG A 118 -8.28 14.87 -10.71
N GLU A 119 -7.87 13.95 -11.56
CA GLU A 119 -8.59 12.70 -11.75
C GLU A 119 -8.78 11.92 -10.44
N VAL A 120 -7.70 11.68 -9.72
CA VAL A 120 -7.86 10.87 -8.50
C VAL A 120 -8.61 11.58 -7.37
N SER A 121 -8.53 12.92 -7.37
CA SER A 121 -9.26 13.74 -6.42
C SER A 121 -10.78 13.70 -6.56
N GLN A 122 -11.27 13.22 -7.71
CA GLN A 122 -12.71 13.16 -7.92
C GLN A 122 -13.39 12.26 -6.88
N PRO A 123 -14.60 12.64 -6.42
CA PRO A 123 -15.23 11.90 -5.31
C PRO A 123 -15.63 10.47 -5.71
N ASP A 124 -15.84 10.22 -6.98
CA ASP A 124 -16.21 8.91 -7.46
C ASP A 124 -15.06 8.09 -8.03
N TRP A 125 -13.83 8.59 -7.90
CA TRP A 125 -12.65 7.87 -8.36
C TRP A 125 -12.46 6.67 -7.43
N THR A 126 -12.19 5.50 -8.02
CA THR A 126 -11.83 4.31 -7.24
C THR A 126 -10.54 3.69 -7.75
N PRO A 127 -9.72 3.14 -6.84
CA PRO A 127 -8.55 2.39 -7.31
C PRO A 127 -8.93 1.16 -8.12
N PRO A 128 -8.01 0.63 -8.94
CA PRO A 128 -8.22 -0.67 -9.58
C PRO A 128 -8.63 -1.71 -8.51
N PRO A 129 -9.58 -2.61 -8.83
CA PRO A 129 -9.96 -3.61 -7.83
C PRO A 129 -8.87 -4.64 -7.62
N GLU A 130 -8.79 -5.17 -6.42
CA GLU A 130 -7.71 -6.10 -6.10
C GLU A 130 -8.23 -7.52 -6.15
N VAL A 131 -7.35 -8.44 -6.51
CA VAL A 131 -7.70 -9.83 -6.65
C VAL A 131 -7.87 -10.45 -5.24
N THR A 132 -7.10 -9.96 -4.28
CA THR A 132 -7.08 -10.53 -2.88
C THR A 132 -8.45 -10.31 -2.20
N LEU A 133 -9.04 -11.39 -1.66
CA LEU A 133 -10.36 -11.34 -1.00
C LEU A 133 -10.31 -10.65 0.36
N VAL A 134 -11.28 -9.81 0.66
CA VAL A 134 -11.35 -9.19 1.96
C VAL A 134 -12.26 -10.01 2.87
N LEU A 135 -11.71 -10.52 3.96
CA LEU A 135 -12.51 -11.24 4.93
C LEU A 135 -12.80 -10.47 6.20
N THR A 136 -14.02 -10.66 6.69
CA THR A 136 -14.48 -10.04 7.93
C THR A 136 -15.23 -11.11 8.68
N LYS A 137 -15.70 -10.81 9.87
CA LYS A 137 -16.30 -11.86 10.71
C LYS A 137 -17.57 -12.43 10.06
N GLU A 138 -18.16 -11.64 9.16
CA GLU A 138 -19.38 -11.95 8.47
C GLU A 138 -19.25 -13.07 7.44
N ASN A 139 -18.12 -13.11 6.71
CA ASN A 139 -17.96 -14.03 5.61
C ASN A 139 -16.74 -14.90 5.74
N PHE A 140 -16.03 -14.77 6.85
CA PHE A 140 -14.77 -15.53 6.98
C PHE A 140 -15.03 -17.02 6.84
N ASP A 141 -15.94 -17.55 7.65
CA ASP A 141 -16.19 -19.00 7.61
C ASP A 141 -16.75 -19.56 6.29
N GLU A 142 -17.65 -18.82 5.69
CA GLU A 142 -18.22 -19.25 4.43
C GLU A 142 -17.17 -19.33 3.35
N VAL A 143 -16.29 -18.34 3.32
CA VAL A 143 -15.21 -18.37 2.33
C VAL A 143 -14.20 -19.45 2.61
N VAL A 144 -13.69 -19.48 3.84
CA VAL A 144 -12.63 -20.45 4.20
C VAL A 144 -13.13 -21.91 4.13
N ASN A 145 -14.37 -22.17 4.55
CA ASN A 145 -14.87 -23.54 4.60
C ASN A 145 -15.12 -24.13 3.23
N ASP A 146 -15.37 -23.28 2.25
CA ASP A 146 -15.65 -23.76 0.91
C ASP A 146 -14.41 -23.91 0.03
N ALA A 147 -13.30 -23.32 0.45
CA ALA A 147 -12.10 -23.34 -0.36
C ALA A 147 -11.32 -24.59 0.00
N ASP A 148 -10.93 -25.38 -1.01
CA ASP A 148 -10.01 -26.52 -0.79
C ASP A 148 -8.70 -26.07 -0.12
N ILE A 149 -8.11 -25.00 -0.65
CA ILE A 149 -6.91 -24.37 -0.05
C ILE A 149 -7.06 -22.84 -0.22
N ILE A 150 -6.63 -22.05 0.77
CA ILE A 150 -6.71 -20.59 0.69
C ILE A 150 -5.62 -20.03 1.63
N LEU A 151 -4.91 -18.97 1.20
CA LEU A 151 -3.90 -18.36 2.07
C LEU A 151 -4.59 -17.12 2.61
N VAL A 152 -4.42 -16.87 3.91
CA VAL A 152 -4.99 -15.69 4.58
C VAL A 152 -3.89 -14.94 5.32
N GLU A 153 -3.80 -13.64 5.03
CA GLU A 153 -2.89 -12.78 5.74
C GLU A 153 -3.64 -11.93 6.78
N PHE A 154 -3.23 -12.02 8.04
CA PHE A 154 -3.76 -11.18 9.12
C PHE A 154 -2.73 -10.08 9.33
N TYR A 155 -3.15 -8.83 9.12
CA TYR A 155 -2.25 -7.68 9.09
C TYR A 155 -2.79 -6.57 9.98
N ALA A 156 -1.91 -5.65 10.38
CA ALA A 156 -2.31 -4.45 11.08
C ALA A 156 -1.84 -3.28 10.22
N PRO A 157 -2.77 -2.36 9.87
CA PRO A 157 -2.45 -1.21 9.04
C PRO A 157 -1.33 -0.36 9.66
N TRP A 158 -1.19 -0.42 10.97
CA TRP A 158 -0.20 0.40 11.67
C TRP A 158 1.22 -0.15 11.54
N CYS A 159 1.35 -1.39 11.09
CA CYS A 159 2.63 -2.08 11.12
C CYS A 159 3.53 -1.75 9.92
N GLY A 160 4.64 -1.08 10.19
CA GLY A 160 5.53 -0.57 9.15
C GLY A 160 6.37 -1.64 8.45
N HIS A 161 6.86 -2.63 9.20
CA HIS A 161 7.77 -3.59 8.59
C HIS A 161 7.10 -4.52 7.58
N CYS A 162 5.78 -4.68 7.72
CA CYS A 162 4.91 -5.46 6.82
C CYS A 162 4.84 -4.93 5.39
N LYS A 163 4.83 -3.60 5.25
CA LYS A 163 4.52 -2.94 3.97
C LYS A 163 5.44 -3.33 2.83
N LYS A 164 6.68 -3.70 3.14
CA LYS A 164 7.68 -4.06 2.12
C LYS A 164 7.19 -5.12 1.12
N LEU A 165 6.41 -6.09 1.62
CA LEU A 165 5.95 -7.26 0.85
C LEU A 165 4.41 -7.42 0.71
N ALA A 166 3.62 -6.53 1.33
CA ALA A 166 2.19 -6.36 0.95
C ALA A 166 1.94 -6.28 -0.58
N PRO A 167 2.79 -5.54 -1.34
CA PRO A 167 2.61 -5.58 -2.80
C PRO A 167 2.82 -6.95 -3.43
N GLU A 168 3.76 -7.74 -2.92
CA GLU A 168 4.05 -9.09 -3.41
C GLU A 168 2.83 -10.01 -3.24
N TYR A 169 2.04 -9.77 -2.20
CA TYR A 169 0.89 -10.60 -1.87
C TYR A 169 -0.23 -10.42 -2.90
N GLU A 170 -0.52 -9.16 -3.25
CA GLU A 170 -1.46 -8.85 -4.35
C GLU A 170 -0.98 -9.39 -5.69
N LYS A 171 0.32 -9.25 -5.98
CA LYS A 171 0.88 -9.80 -7.22
C LYS A 171 0.72 -11.33 -7.30
N ALA A 172 0.95 -11.99 -6.17
CA ALA A 172 0.80 -13.44 -6.10
C ALA A 172 -0.67 -13.81 -6.30
N ALA A 173 -1.57 -13.03 -5.68
CA ALA A 173 -3.01 -13.26 -5.78
C ALA A 173 -3.46 -13.20 -7.22
N LYS A 174 -3.03 -12.16 -7.93
CA LYS A 174 -3.35 -12.02 -9.36
C LYS A 174 -2.88 -13.20 -10.23
N GLU A 175 -1.63 -13.64 -10.08
CA GLU A 175 -1.16 -14.80 -10.85
C GLU A 175 -1.92 -16.08 -10.49
N LEU A 176 -2.24 -16.27 -9.21
CA LEU A 176 -2.92 -17.50 -8.75
C LEU A 176 -4.41 -17.59 -9.13
N SER A 177 -5.04 -16.43 -9.37
CA SER A 177 -6.43 -16.39 -9.82
C SER A 177 -6.58 -16.78 -11.30
N LYS A 178 -5.51 -16.70 -12.07
CA LYS A 178 -5.60 -17.07 -13.48
C LYS A 178 -5.40 -18.56 -13.74
N ARG A 179 -5.43 -19.37 -12.68
CA ARG A 179 -5.18 -20.80 -12.79
C ARG A 179 -6.46 -21.61 -12.90
N SER A 180 -6.35 -22.83 -13.42
CA SER A 180 -7.48 -23.76 -13.49
C SER A 180 -7.18 -25.01 -12.66
N PRO A 181 -7.81 -25.14 -11.46
CA PRO A 181 -8.70 -24.17 -10.85
C PRO A 181 -7.92 -23.02 -10.18
N PRO A 182 -8.58 -21.85 -10.00
CA PRO A 182 -7.96 -20.71 -9.32
C PRO A 182 -7.66 -20.94 -7.84
N ILE A 183 -6.55 -20.39 -7.36
CA ILE A 183 -6.20 -20.45 -5.93
C ILE A 183 -6.37 -19.08 -5.23
N PRO A 184 -7.30 -18.98 -4.26
CA PRO A 184 -7.55 -17.69 -3.65
C PRO A 184 -6.53 -17.25 -2.57
N LEU A 185 -6.26 -15.95 -2.53
CA LEU A 185 -5.55 -15.32 -1.43
C LEU A 185 -6.51 -14.32 -0.79
N ALA A 186 -6.48 -14.26 0.54
CA ALA A 186 -7.38 -13.39 1.29
C ALA A 186 -6.60 -12.60 2.37
N LYS A 187 -7.19 -11.52 2.89
CA LYS A 187 -6.58 -10.79 3.99
C LYS A 187 -7.62 -10.40 5.03
N VAL A 188 -7.14 -10.22 6.27
CA VAL A 188 -7.96 -9.86 7.38
C VAL A 188 -7.24 -8.72 8.10
N ASP A 189 -7.90 -7.56 8.20
CA ASP A 189 -7.40 -6.44 9.02
C ASP A 189 -7.67 -6.80 10.48
N ALA A 190 -6.64 -7.32 11.13
CA ALA A 190 -6.73 -7.78 12.52
C ALA A 190 -7.06 -6.68 13.52
N THR A 191 -6.80 -5.42 13.17
CA THR A 191 -7.14 -4.33 14.10
C THR A 191 -8.64 -3.99 14.07
N ALA A 192 -9.26 -4.19 12.91
CA ALA A 192 -10.71 -4.03 12.73
C ALA A 192 -11.43 -5.31 13.15
N GLU A 193 -10.84 -6.46 12.85
CA GLU A 193 -11.50 -7.74 13.06
C GLU A 193 -10.94 -8.39 14.29
N THR A 194 -11.15 -7.76 15.44
CA THR A 194 -10.48 -8.21 16.67
C THR A 194 -10.91 -9.62 17.09
N ASP A 195 -12.15 -9.96 16.78
CA ASP A 195 -12.67 -11.27 17.14
C ASP A 195 -12.08 -12.43 16.30
N LEU A 196 -11.92 -12.25 14.99
CA LEU A 196 -11.12 -13.20 14.18
C LEU A 196 -9.68 -13.31 14.62
N ALA A 197 -9.06 -12.17 14.94
CA ALA A 197 -7.65 -12.20 15.34
C ALA A 197 -7.45 -13.01 16.64
N LYS A 198 -8.34 -12.82 17.60
CA LYS A 198 -8.27 -13.56 18.85
C LYS A 198 -8.49 -15.05 18.61
N ARG A 199 -9.42 -15.38 17.74
CA ARG A 199 -9.76 -16.76 17.41
C ARG A 199 -8.53 -17.50 16.88
N PHE A 200 -7.75 -16.82 16.03
CA PHE A 200 -6.54 -17.43 15.47
C PHE A 200 -5.23 -17.09 16.19
N ASP A 201 -5.35 -16.54 17.40
CA ASP A 201 -4.22 -16.23 18.27
C ASP A 201 -3.18 -15.36 17.61
N VAL A 202 -3.63 -14.40 16.82
CA VAL A 202 -2.73 -13.45 16.16
C VAL A 202 -2.08 -12.56 17.24
N SER A 203 -0.75 -12.64 17.37
CA SER A 203 -0.01 -11.91 18.40
C SER A 203 1.15 -11.12 17.84
N GLY A 204 1.18 -10.97 16.51
CA GLY A 204 2.32 -10.34 15.86
C GLY A 204 2.12 -10.35 14.37
N TYR A 205 2.95 -9.61 13.65
CA TYR A 205 2.76 -9.41 12.21
C TYR A 205 4.07 -9.54 11.43
N PRO A 206 3.99 -9.95 10.13
CA PRO A 206 2.78 -10.45 9.47
C PRO A 206 2.41 -11.82 10.02
N THR A 207 1.14 -12.19 9.93
CA THR A 207 0.74 -13.53 10.30
C THR A 207 0.01 -14.13 9.09
N LEU A 208 0.60 -15.15 8.49
CA LEU A 208 -0.02 -15.82 7.34
C LEU A 208 -0.37 -17.25 7.72
N LYS A 209 -1.58 -17.63 7.29
CA LYS A 209 -2.09 -18.95 7.55
C LYS A 209 -2.61 -19.55 6.28
N ILE A 210 -2.24 -20.79 6.05
CA ILE A 210 -2.87 -21.53 4.98
C ILE A 210 -4.04 -22.30 5.61
N PHE A 211 -5.17 -22.33 4.91
CA PHE A 211 -6.32 -23.14 5.34
C PHE A 211 -6.52 -24.23 4.33
N ARG A 212 -6.60 -25.49 4.81
CA ARG A 212 -6.85 -26.64 3.92
C ARG A 212 -8.10 -27.28 4.48
N LYS A 213 -9.14 -27.28 3.65
CA LYS A 213 -10.49 -27.75 4.03
C LYS A 213 -10.93 -27.19 5.36
N GLY A 214 -10.75 -25.87 5.51
CA GLY A 214 -11.28 -25.13 6.64
C GLY A 214 -10.44 -25.18 7.91
N ARG A 215 -9.29 -25.86 7.86
CA ARG A 215 -8.38 -25.99 9.00
C ARG A 215 -7.15 -25.11 8.82
N PRO A 216 -6.74 -24.37 9.86
CA PRO A 216 -5.57 -23.42 9.71
C PRO A 216 -4.21 -24.10 9.92
N TYR A 217 -3.20 -23.63 9.17
CA TYR A 217 -1.83 -24.12 9.39
C TYR A 217 -0.96 -22.90 9.25
N ASP A 218 0.11 -22.79 10.05
CA ASP A 218 0.96 -21.61 9.94
C ASP A 218 1.60 -21.67 8.55
N TYR A 219 1.71 -20.54 7.87
CA TYR A 219 2.39 -20.50 6.58
C TYR A 219 3.84 -20.12 6.83
N ASN A 220 4.76 -21.02 6.49
CA ASN A 220 6.19 -20.83 6.72
C ASN A 220 6.92 -20.75 5.40
N GLY A 221 6.19 -20.42 4.34
CA GLY A 221 6.80 -20.29 3.04
C GLY A 221 7.45 -18.92 2.88
N PRO A 222 7.98 -18.67 1.68
CA PRO A 222 8.58 -17.37 1.40
C PRO A 222 7.52 -16.30 1.21
N ARG A 223 7.93 -15.04 1.39
CA ARG A 223 7.00 -13.93 1.31
C ARG A 223 7.20 -13.08 0.03
N GLU A 224 7.96 -13.61 -0.94
CA GLU A 224 8.11 -12.94 -2.23
C GLU A 224 7.17 -13.52 -3.27
N LYS A 225 6.83 -12.76 -4.31
CA LYS A 225 5.79 -13.21 -5.25
C LYS A 225 6.01 -14.65 -5.71
N TYR A 226 7.10 -14.90 -6.44
CA TYR A 226 7.36 -16.22 -7.00
C TYR A 226 7.21 -17.35 -6.01
N GLY A 227 7.71 -17.16 -4.79
CA GLY A 227 7.63 -18.17 -3.74
C GLY A 227 6.24 -18.42 -3.17
N ILE A 228 5.46 -17.35 -3.04
CA ILE A 228 4.09 -17.54 -2.58
C ILE A 228 3.32 -18.35 -3.63
N VAL A 229 3.51 -17.97 -4.89
CA VAL A 229 2.84 -18.63 -5.98
C VAL A 229 3.26 -20.13 -5.99
N ASP A 230 4.57 -20.41 -5.88
CA ASP A 230 5.03 -21.82 -5.92
C ASP A 230 4.56 -22.70 -4.75
N TYR A 231 4.70 -22.18 -3.53
CA TYR A 231 4.15 -22.84 -2.35
C TYR A 231 2.72 -23.25 -2.60
N MET A 232 1.90 -22.29 -3.04
CA MET A 232 0.47 -22.49 -3.13
C MET A 232 0.18 -23.51 -4.22
N ILE A 233 0.88 -23.41 -5.36
CA ILE A 233 0.69 -24.38 -6.44
C ILE A 233 1.06 -25.78 -5.95
N GLU A 234 2.25 -25.91 -5.37
CA GLU A 234 2.70 -27.22 -4.85
C GLU A 234 1.77 -27.79 -3.76
N GLN A 235 1.32 -26.94 -2.83
CA GLN A 235 0.42 -27.39 -1.71
C GLN A 235 -1.00 -27.72 -2.10
N SER A 236 -1.41 -27.22 -3.26
CA SER A 236 -2.73 -27.52 -3.81
C SER A 236 -2.78 -28.88 -4.48
N GLY A 237 -1.63 -29.53 -4.64
CA GLY A 237 -1.61 -30.87 -5.22
C GLY A 237 -0.90 -30.98 -6.55
N ALA A 238 -0.19 -29.92 -6.94
CA ALA A 238 0.61 -29.91 -8.18
C ALA A 238 2.12 -29.87 -7.84
N ALA A 239 2.58 -30.94 -7.20
CA ALA A 239 3.96 -31.05 -6.66
C ALA A 239 5.05 -30.87 -7.70
N ALA A 240 4.78 -31.33 -8.93
CA ALA A 240 5.72 -31.21 -10.05
C ALA A 240 5.72 -29.83 -10.70
N SER A 241 4.85 -28.96 -10.22
CA SER A 241 4.68 -27.61 -10.78
C SER A 241 5.20 -26.48 -9.85
#